data_2DPW
#
_entry.id   2DPW
#
_cell.length_a   76.190
_cell.length_b   76.190
_cell.length_c   196.980
_cell.angle_alpha   90.000
_cell.angle_beta   90.000
_cell.angle_gamma   120.000
#
_symmetry.space_group_name_H-M   'P 61 2 2'
#
loop_
_entity.id
_entity.type
_entity.pdbx_description
1 polymer 'Hypothetical protein TTHA0179'
2 non-polymer 'SODIUM ION'
3 water water
#
_entity_poly.entity_id   1
_entity_poly.type   'polypeptide(L)'
_entity_poly.pdbx_seq_one_letter_code
;(MSE)RPSAIVLAGGKEAWAERFGVGSKALVPYRGRP(MSE)VEWVLEALYAAGLSPVYVGENPGLVPAPALTLPDRGGL
LENLEQALEHVEGRVLVATGDIPHLTEEAVRFVLDKAPEAALVYPIVPKEAVEARFPRTKRTYARLREGTFTGGNLLLLD
KSLFRKALPLARRVVALRKRPLALARLVGWDVLLKLLLGRLSLAEVEARAQRILGVEARALVTPYPEVGVDVDREEDLVS
;
_entity_poly.pdbx_strand_id   A
#
# COMPACT_ATOMS: atom_id res chain seq x y z
N ARG A 2 6.18 -11.18 -17.65
CA ARG A 2 5.99 -10.08 -16.72
C ARG A 2 5.34 -10.51 -15.41
N PRO A 3 5.94 -10.13 -14.27
CA PRO A 3 5.42 -10.47 -12.94
C PRO A 3 4.12 -9.69 -12.68
N SER A 4 3.30 -10.20 -11.78
CA SER A 4 2.04 -9.57 -11.47
C SER A 4 2.06 -8.45 -10.46
N ALA A 5 1.07 -7.60 -10.57
CA ALA A 5 0.88 -6.47 -9.68
C ALA A 5 -0.62 -6.43 -9.46
N ILE A 6 -1.05 -5.83 -8.36
CA ILE A 6 -2.48 -5.74 -8.12
C ILE A 6 -2.82 -4.35 -7.66
N VAL A 7 -3.85 -3.78 -8.26
CA VAL A 7 -4.26 -2.45 -7.90
C VAL A 7 -5.65 -2.49 -7.28
N LEU A 8 -5.68 -2.15 -6.00
CA LEU A 8 -6.91 -2.11 -5.24
C LEU A 8 -7.42 -0.70 -5.31
N ALA A 9 -8.02 -0.36 -6.44
CA ALA A 9 -8.56 0.95 -6.67
C ALA A 9 -10.00 0.92 -6.22
N GLY A 10 -10.41 -0.22 -5.70
CA GLY A 10 -11.76 -0.36 -5.22
C GLY A 10 -12.01 0.64 -4.11
N GLY A 11 -13.30 0.89 -3.83
CA GLY A 11 -13.62 1.81 -2.77
C GLY A 11 -14.50 2.96 -3.21
N LYS A 12 -15.69 3.02 -2.63
CA LYS A 12 -16.64 4.08 -2.91
C LYS A 12 -16.21 5.24 -2.01
N GLU A 13 -16.54 6.47 -2.39
CA GLU A 13 -16.17 7.61 -1.56
C GLU A 13 -17.04 8.82 -1.78
N ALA A 14 -16.93 9.75 -0.84
CA ALA A 14 -17.71 10.98 -0.79
C ALA A 14 -17.50 12.01 -1.90
N TRP A 15 -16.41 12.75 -1.78
CA TRP A 15 -16.11 13.81 -2.75
C TRP A 15 -15.94 13.29 -4.15
N ALA A 16 -15.63 12.00 -4.27
CA ALA A 16 -15.45 11.40 -5.57
C ALA A 16 -16.71 11.55 -6.41
N GLU A 17 -17.88 11.62 -5.77
CA GLU A 17 -19.09 11.75 -6.55
C GLU A 17 -19.30 13.18 -6.97
N ARG A 18 -18.46 14.07 -6.45
CA ARG A 18 -18.54 15.48 -6.82
C ARG A 18 -18.13 15.50 -8.27
N PHE A 19 -17.15 14.68 -8.60
CA PHE A 19 -16.64 14.56 -9.97
C PHE A 19 -17.49 13.50 -10.66
N GLY A 20 -18.57 13.12 -9.99
CA GLY A 20 -19.49 12.12 -10.51
C GLY A 20 -18.83 10.79 -10.82
N VAL A 21 -18.01 10.30 -9.90
CA VAL A 21 -17.32 9.04 -10.10
C VAL A 21 -17.80 7.92 -9.19
N GLY A 22 -17.60 8.10 -7.89
CA GLY A 22 -17.98 7.07 -6.92
C GLY A 22 -16.74 6.57 -6.20
N SER A 23 -15.74 6.11 -6.96
CA SER A 23 -14.48 5.62 -6.41
C SER A 23 -13.42 6.71 -6.59
N LYS A 24 -12.61 6.93 -5.56
CA LYS A 24 -11.57 7.96 -5.60
C LYS A 24 -10.55 7.76 -6.74
N ALA A 25 -10.29 6.49 -7.06
CA ALA A 25 -9.34 6.13 -8.12
C ALA A 25 -9.71 6.63 -9.53
N LEU A 26 -10.99 6.85 -9.75
CA LEU A 26 -11.48 7.32 -11.05
C LEU A 26 -11.58 8.84 -11.09
N VAL A 27 -11.20 9.50 -10.01
CA VAL A 27 -11.23 10.95 -10.00
C VAL A 27 -10.07 11.36 -10.90
N PRO A 28 -10.31 12.31 -11.82
CA PRO A 28 -9.22 12.73 -12.71
C PRO A 28 -8.08 13.40 -11.95
N TYR A 29 -6.88 13.19 -12.45
CA TYR A 29 -5.73 13.82 -11.85
C TYR A 29 -4.82 14.16 -13.01
N ARG A 30 -4.46 15.43 -13.10
CA ARG A 30 -3.61 15.92 -14.17
C ARG A 30 -3.99 15.43 -15.56
N GLY A 31 -5.29 15.32 -15.79
CA GLY A 31 -5.76 14.93 -17.11
C GLY A 31 -6.37 13.56 -17.28
N ARG A 32 -6.00 12.61 -16.43
CA ARG A 32 -6.54 11.27 -16.53
C ARG A 32 -7.07 10.73 -15.22
N PRO A 33 -7.91 9.69 -15.32
CA PRO A 33 -8.45 9.10 -14.10
C PRO A 33 -7.22 8.69 -13.32
N VAL A 35 -5.89 6.70 -11.20
CA VAL A 35 -5.27 5.39 -11.17
C VAL A 35 -4.44 5.00 -12.39
N GLU A 36 -4.70 5.62 -13.52
CA GLU A 36 -3.94 5.28 -14.74
C GLU A 36 -2.47 5.66 -14.61
N TRP A 37 -2.18 6.62 -13.74
CA TRP A 37 -0.80 7.05 -13.50
C TRP A 37 -0.12 5.88 -12.81
N VAL A 38 -0.89 5.20 -11.97
CA VAL A 38 -0.36 4.06 -11.26
C VAL A 38 -0.14 2.90 -12.22
N LEU A 39 -1.15 2.64 -13.05
CA LEU A 39 -1.06 1.56 -14.04
C LEU A 39 0.13 1.83 -14.96
N GLU A 40 0.22 3.07 -15.44
CA GLU A 40 1.34 3.42 -16.31
C GLU A 40 2.66 3.07 -15.62
N ALA A 41 2.77 3.43 -14.35
CA ALA A 41 3.98 3.18 -13.57
C ALA A 41 4.29 1.70 -13.42
N LEU A 42 3.27 0.89 -13.19
CA LEU A 42 3.47 -0.54 -13.01
C LEU A 42 4.00 -1.21 -14.27
N TYR A 43 3.30 -1.01 -15.39
CA TYR A 43 3.73 -1.59 -16.67
C TYR A 43 5.15 -1.09 -16.92
N ALA A 44 5.33 0.21 -16.74
CA ALA A 44 6.62 0.84 -16.94
C ALA A 44 7.75 0.03 -16.28
N ALA A 45 7.52 -0.44 -15.06
CA ALA A 45 8.58 -1.19 -14.38
C ALA A 45 8.57 -2.68 -14.76
N GLY A 46 7.81 -3.01 -15.79
CA GLY A 46 7.77 -4.40 -16.27
C GLY A 46 6.77 -5.36 -15.64
N LEU A 47 5.72 -4.85 -15.01
CA LEU A 47 4.74 -5.72 -14.37
C LEU A 47 3.41 -5.74 -15.11
N SER A 48 2.63 -6.77 -14.84
CA SER A 48 1.30 -6.92 -15.43
C SER A 48 0.30 -6.68 -14.28
N PRO A 49 -0.37 -5.52 -14.26
CA PRO A 49 -1.34 -5.15 -13.21
C PRO A 49 -2.75 -5.71 -13.29
N VAL A 50 -3.18 -6.31 -12.18
CA VAL A 50 -4.54 -6.82 -12.09
C VAL A 50 -5.23 -5.65 -11.40
N TYR A 51 -6.38 -5.25 -11.94
CA TYR A 51 -7.13 -4.12 -11.43
C TYR A 51 -8.43 -4.49 -10.72
N VAL A 52 -8.53 -4.17 -9.45
CA VAL A 52 -9.78 -4.46 -8.74
C VAL A 52 -10.52 -3.14 -8.51
N GLY A 53 -11.68 -3.00 -9.13
CA GLY A 53 -12.47 -1.78 -8.99
C GLY A 53 -13.32 -1.54 -10.24
N GLU A 54 -13.93 -0.37 -10.35
CA GLU A 54 -14.75 -0.09 -11.51
C GLU A 54 -13.89 0.37 -12.68
N ASN A 55 -14.14 -0.18 -13.87
CA ASN A 55 -13.37 0.18 -15.03
C ASN A 55 -14.22 0.83 -16.13
N PRO A 56 -14.32 2.16 -16.12
CA PRO A 56 -15.09 2.93 -17.10
C PRO A 56 -14.47 2.83 -18.47
N GLY A 57 -13.15 2.62 -18.48
CA GLY A 57 -12.40 2.51 -19.72
C GLY A 57 -10.99 2.98 -19.42
N LEU A 58 -10.32 2.27 -18.54
CA LEU A 58 -8.97 2.63 -18.11
C LEU A 58 -7.90 2.39 -19.15
N VAL A 59 -6.98 3.33 -19.25
CA VAL A 59 -5.87 3.29 -20.17
C VAL A 59 -4.65 3.63 -19.34
N PRO A 60 -3.61 2.78 -19.34
CA PRO A 60 -3.53 1.52 -20.09
C PRO A 60 -4.42 0.44 -19.53
N ALA A 61 -5.06 -0.30 -20.42
CA ALA A 61 -5.94 -1.38 -20.03
C ALA A 61 -5.16 -2.35 -19.12
N PRO A 62 -5.73 -2.69 -17.96
CA PRO A 62 -5.06 -3.61 -17.04
C PRO A 62 -5.15 -5.02 -17.56
N ALA A 63 -4.27 -5.89 -17.07
CA ALA A 63 -4.23 -7.29 -17.50
C ALA A 63 -5.54 -7.99 -17.25
N LEU A 64 -6.12 -7.70 -16.10
CA LEU A 64 -7.38 -8.30 -15.71
C LEU A 64 -8.13 -7.24 -14.89
N THR A 65 -9.45 -7.24 -14.97
CA THR A 65 -10.24 -6.27 -14.24
C THR A 65 -11.29 -6.96 -13.40
N LEU A 66 -10.97 -7.23 -12.14
CA LEU A 66 -11.91 -7.89 -11.24
C LEU A 66 -12.79 -6.80 -10.62
N PRO A 67 -14.02 -7.16 -10.22
CA PRO A 67 -14.97 -6.21 -9.60
C PRO A 67 -14.60 -5.92 -8.15
N ASP A 68 -15.49 -5.21 -7.46
CA ASP A 68 -15.24 -4.86 -6.08
C ASP A 68 -16.00 -5.77 -5.14
N ARG A 69 -15.31 -6.38 -4.18
CA ARG A 69 -15.99 -7.24 -3.23
C ARG A 69 -16.18 -6.52 -1.91
N GLY A 70 -16.09 -5.19 -1.95
CA GLY A 70 -16.31 -4.36 -0.77
C GLY A 70 -15.34 -4.30 0.39
N GLY A 71 -14.04 -4.38 0.13
CA GLY A 71 -13.08 -4.33 1.21
C GLY A 71 -11.65 -4.47 0.73
N LEU A 72 -10.73 -3.79 1.39
CA LEU A 72 -9.34 -3.81 1.00
C LEU A 72 -8.65 -5.19 0.95
N LEU A 73 -9.00 -6.07 1.87
CA LEU A 73 -8.39 -7.40 1.92
C LEU A 73 -9.24 -8.45 1.23
N GLU A 74 -10.48 -8.09 0.97
CA GLU A 74 -11.41 -8.98 0.33
C GLU A 74 -11.05 -8.93 -1.15
N ASN A 75 -10.78 -7.71 -1.62
CA ASN A 75 -10.39 -7.48 -3.00
C ASN A 75 -9.02 -8.08 -3.22
N LEU A 76 -8.17 -8.01 -2.20
CA LEU A 76 -6.84 -8.57 -2.33
C LEU A 76 -6.89 -10.09 -2.50
N GLU A 77 -7.78 -10.75 -1.77
CA GLU A 77 -7.87 -12.20 -1.90
C GLU A 77 -8.36 -12.56 -3.29
N GLN A 78 -9.37 -11.82 -3.76
CA GLN A 78 -9.94 -12.05 -5.10
C GLN A 78 -8.82 -12.01 -6.16
N ALA A 79 -8.11 -10.90 -6.20
CA ALA A 79 -7.01 -10.70 -7.14
C ALA A 79 -5.90 -11.75 -7.01
N LEU A 80 -5.62 -12.18 -5.78
CA LEU A 80 -4.59 -13.18 -5.54
C LEU A 80 -4.90 -14.48 -6.26
N GLU A 81 -6.19 -14.84 -6.32
CA GLU A 81 -6.61 -16.06 -7.00
C GLU A 81 -6.11 -16.03 -8.43
N HIS A 82 -5.95 -14.82 -8.98
CA HIS A 82 -5.51 -14.67 -10.36
C HIS A 82 -4.04 -14.35 -10.57
N VAL A 83 -3.18 -14.57 -9.57
CA VAL A 83 -1.77 -14.28 -9.78
C VAL A 83 -0.89 -15.37 -9.19
N GLU A 84 0.41 -15.28 -9.47
CA GLU A 84 1.36 -16.27 -8.97
C GLU A 84 2.70 -15.60 -8.70
N GLY A 85 3.48 -16.19 -7.80
CA GLY A 85 4.80 -15.67 -7.48
C GLY A 85 4.82 -14.53 -6.49
N ARG A 86 5.75 -13.60 -6.68
CA ARG A 86 5.86 -12.43 -5.81
C ARG A 86 5.08 -11.34 -6.51
N VAL A 87 4.15 -10.71 -5.78
CA VAL A 87 3.30 -9.66 -6.34
C VAL A 87 3.33 -8.36 -5.57
N LEU A 88 3.31 -7.27 -6.31
CA LEU A 88 3.32 -5.95 -5.73
C LEU A 88 1.90 -5.40 -5.70
N VAL A 89 1.46 -5.03 -4.51
CA VAL A 89 0.13 -4.50 -4.37
C VAL A 89 0.20 -3.01 -4.22
N ALA A 90 -0.82 -2.34 -4.76
CA ALA A 90 -0.89 -0.89 -4.68
C ALA A 90 -2.32 -0.40 -4.73
N THR A 91 -2.56 0.72 -4.07
CA THR A 91 -3.87 1.36 -4.08
C THR A 91 -3.89 2.27 -5.32
N GLY A 92 -5.08 2.56 -5.84
CA GLY A 92 -5.16 3.40 -7.02
C GLY A 92 -5.17 4.89 -6.81
N ASP A 93 -4.74 5.38 -5.65
CA ASP A 93 -4.75 6.82 -5.37
C ASP A 93 -3.39 7.45 -5.09
N ILE A 94 -2.34 6.90 -5.68
CA ILE A 94 -1.01 7.46 -5.53
C ILE A 94 -0.55 7.72 -6.96
N PRO A 95 -1.13 8.75 -7.59
CA PRO A 95 -0.85 9.20 -8.96
C PRO A 95 0.57 9.67 -9.23
N HIS A 96 1.34 9.92 -8.18
CA HIS A 96 2.72 10.36 -8.34
C HIS A 96 3.67 9.19 -8.48
N LEU A 97 3.13 7.97 -8.33
CA LEU A 97 3.94 6.76 -8.43
C LEU A 97 4.73 6.72 -9.73
N THR A 98 6.02 6.43 -9.61
CA THR A 98 6.93 6.35 -10.76
C THR A 98 7.55 4.97 -10.90
N GLU A 99 8.02 4.67 -12.12
CA GLU A 99 8.66 3.42 -12.43
C GLU A 99 9.91 3.24 -11.57
N GLU A 100 10.65 4.34 -11.39
CA GLU A 100 11.87 4.28 -10.59
C GLU A 100 11.53 3.81 -9.19
N ALA A 101 10.49 4.39 -8.61
CA ALA A 101 10.04 4.03 -7.27
C ALA A 101 9.65 2.55 -7.25
N VAL A 102 8.94 2.10 -8.27
CA VAL A 102 8.54 0.72 -8.31
C VAL A 102 9.72 -0.26 -8.38
N ARG A 103 10.67 0.02 -9.27
CA ARG A 103 11.80 -0.86 -9.42
C ARG A 103 12.67 -0.90 -8.17
N PHE A 104 12.74 0.21 -7.46
CA PHE A 104 13.56 0.24 -6.24
C PHE A 104 13.05 -0.86 -5.32
N VAL A 105 11.75 -0.81 -5.06
CA VAL A 105 11.07 -1.77 -4.21
C VAL A 105 11.46 -3.15 -4.66
N LEU A 106 11.15 -3.44 -5.93
CA LEU A 106 11.44 -4.74 -6.53
C LEU A 106 12.87 -5.17 -6.35
N ASP A 107 13.79 -4.25 -6.64
CA ASP A 107 15.21 -4.53 -6.58
C ASP A 107 15.84 -4.51 -5.21
N LYS A 108 15.27 -3.76 -4.28
CA LYS A 108 15.85 -3.68 -2.95
C LYS A 108 15.07 -4.43 -1.88
N ALA A 109 13.92 -4.95 -2.24
CA ALA A 109 13.11 -5.68 -1.28
C ALA A 109 13.85 -6.92 -0.85
N PRO A 110 13.90 -7.17 0.47
CA PRO A 110 14.60 -8.35 0.97
C PRO A 110 13.77 -9.59 0.68
N GLU A 111 14.38 -10.76 0.79
CA GLU A 111 13.66 -12.01 0.57
C GLU A 111 12.74 -12.31 1.76
N ALA A 112 11.47 -11.94 1.64
CA ALA A 112 10.47 -12.17 2.70
C ALA A 112 9.05 -12.27 2.15
N ALA A 113 8.25 -13.13 2.77
CA ALA A 113 6.86 -13.35 2.39
C ALA A 113 6.13 -12.03 2.21
N LEU A 114 6.48 -11.09 3.07
CA LEU A 114 5.85 -9.80 3.05
C LEU A 114 6.85 -8.68 3.28
N VAL A 115 6.85 -7.70 2.39
CA VAL A 115 7.73 -6.55 2.52
C VAL A 115 6.91 -5.27 2.36
N TYR A 116 7.03 -4.38 3.34
CA TYR A 116 6.30 -3.14 3.31
C TYR A 116 7.16 -1.89 3.26
N PRO A 117 7.19 -1.23 2.09
CA PRO A 117 8.00 -0.01 1.93
C PRO A 117 7.56 1.16 2.80
N ILE A 118 8.51 1.77 3.50
CA ILE A 118 8.20 2.94 4.33
C ILE A 118 9.08 4.12 3.91
N VAL A 119 8.53 5.32 4.01
CA VAL A 119 9.26 6.53 3.64
C VAL A 119 9.67 7.43 4.81
N PRO A 120 10.92 7.94 4.78
CA PRO A 120 11.43 8.82 5.84
C PRO A 120 10.84 10.24 5.75
N LYS A 121 10.52 10.82 6.91
CA LYS A 121 9.98 12.18 6.95
C LYS A 121 10.88 13.04 6.07
N GLU A 122 12.19 12.84 6.26
CA GLU A 122 13.23 13.57 5.55
C GLU A 122 13.00 13.77 4.04
N ALA A 123 12.52 12.74 3.35
CA ALA A 123 12.30 12.80 1.92
C ALA A 123 10.88 13.14 1.52
N VAL A 124 9.94 12.91 2.42
CA VAL A 124 8.54 13.21 2.14
C VAL A 124 8.37 14.70 1.90
N GLU A 125 9.21 15.49 2.57
CA GLU A 125 9.12 16.93 2.46
C GLU A 125 10.16 17.45 1.47
N ALA A 126 10.63 16.55 0.60
CA ALA A 126 11.60 16.89 -0.43
C ALA A 126 10.81 17.27 -1.69
N ARG A 127 9.68 16.60 -1.94
CA ARG A 127 8.87 17.03 -3.09
C ARG A 127 7.57 17.63 -2.57
N PHE A 128 6.95 16.96 -1.61
CA PHE A 128 5.68 17.40 -1.08
C PHE A 128 5.59 18.10 0.29
N PRO A 129 6.44 19.11 0.56
CA PRO A 129 6.52 19.89 1.81
C PRO A 129 5.17 20.13 2.54
N ARG A 130 4.10 20.32 1.75
CA ARG A 130 2.77 20.57 2.30
C ARG A 130 2.17 19.33 2.97
N THR A 131 2.21 18.23 2.22
CA THR A 131 1.67 16.94 2.62
C THR A 131 1.83 16.59 4.11
N LYS A 132 0.69 16.39 4.74
CA LYS A 132 0.60 16.06 6.15
C LYS A 132 0.40 14.56 6.36
N ARG A 133 1.37 13.89 6.98
CA ARG A 133 1.31 12.45 7.18
C ARG A 133 1.37 11.96 8.64
N THR A 134 0.92 10.72 8.86
CA THR A 134 0.95 10.07 10.17
C THR A 134 2.31 9.37 10.26
N TYR A 135 3.22 9.91 11.06
CA TYR A 135 4.55 9.30 11.18
C TYR A 135 4.71 8.48 12.44
N ALA A 136 5.87 7.84 12.55
CA ALA A 136 6.22 7.02 13.69
C ALA A 136 7.72 7.14 13.91
N ARG A 137 8.12 7.50 15.12
CA ARG A 137 9.54 7.67 15.44
C ARG A 137 10.19 6.37 15.89
N LEU A 138 11.17 5.92 15.11
CA LEU A 138 11.91 4.70 15.42
C LEU A 138 13.35 5.06 15.68
N ARG A 139 14.05 4.25 16.44
CA ARG A 139 15.44 4.54 16.71
C ARG A 139 16.18 4.82 15.42
N GLU A 140 15.76 4.17 14.34
CA GLU A 140 16.40 4.35 13.06
C GLU A 140 15.89 5.57 12.29
N GLY A 141 14.85 6.22 12.81
CA GLY A 141 14.33 7.40 12.14
C GLY A 141 12.85 7.71 12.33
N THR A 142 12.31 8.46 11.38
CA THR A 142 10.90 8.83 11.40
C THR A 142 10.33 8.50 10.02
N PHE A 143 9.32 7.64 10.00
CA PHE A 143 8.73 7.22 8.75
C PHE A 143 7.24 7.21 8.71
N THR A 144 6.74 6.92 7.52
CA THR A 144 5.33 6.77 7.32
C THR A 144 5.24 5.59 6.39
N GLY A 145 4.07 4.96 6.37
CA GLY A 145 3.84 3.80 5.53
C GLY A 145 3.46 3.96 4.09
N GLY A 146 3.98 3.16 3.19
CA GLY A 146 3.60 3.36 1.79
C GLY A 146 2.21 2.87 1.47
N ASN A 147 1.87 2.90 0.20
CA ASN A 147 0.58 2.46 -0.25
C ASN A 147 0.86 1.28 -1.16
N LEU A 148 2.02 0.71 -0.98
CA LEU A 148 2.49 -0.45 -1.75
C LEU A 148 2.77 -1.56 -0.78
N LEU A 149 2.55 -2.79 -1.24
CA LEU A 149 2.82 -3.96 -0.42
C LEU A 149 3.29 -5.08 -1.35
N LEU A 150 4.50 -5.56 -1.08
CA LEU A 150 5.12 -6.61 -1.86
C LEU A 150 4.89 -7.98 -1.20
N LEU A 151 4.17 -8.88 -1.89
CA LEU A 151 3.87 -10.19 -1.31
C LEU A 151 4.32 -11.40 -2.09
N ASP A 152 4.64 -12.44 -1.34
CA ASP A 152 4.98 -13.70 -1.94
C ASP A 152 3.68 -14.46 -1.73
N LYS A 153 2.81 -14.41 -2.74
CA LYS A 153 1.50 -15.06 -2.70
C LYS A 153 1.56 -16.39 -1.94
N SER A 154 2.41 -17.28 -2.43
CA SER A 154 2.63 -18.60 -1.86
C SER A 154 3.00 -18.59 -0.41
N LEU A 155 3.89 -17.69 0.02
CA LEU A 155 4.28 -17.67 1.43
C LEU A 155 3.17 -17.08 2.28
N PHE A 156 2.55 -16.06 1.72
CA PHE A 156 1.49 -15.35 2.40
C PHE A 156 0.23 -16.17 2.56
N ARG A 157 -0.10 -16.92 1.51
CA ARG A 157 -1.28 -17.78 1.49
C ARG A 157 -1.69 -18.27 2.88
N LYS A 158 -0.72 -18.71 3.67
CA LYS A 158 -0.98 -19.24 5.00
C LYS A 158 -1.20 -18.24 6.16
N ALA A 159 -0.99 -16.95 5.90
CA ALA A 159 -1.16 -15.96 6.95
C ALA A 159 -2.47 -15.20 6.81
N LEU A 160 -3.15 -15.40 5.69
CA LEU A 160 -4.39 -14.71 5.43
C LEU A 160 -5.42 -14.81 6.54
N PRO A 161 -5.51 -15.94 7.25
CA PRO A 161 -6.51 -15.99 8.31
C PRO A 161 -6.22 -14.97 9.40
N LEU A 162 -4.93 -14.72 9.65
CA LEU A 162 -4.55 -13.75 10.65
C LEU A 162 -4.72 -12.37 10.03
N ALA A 163 -4.26 -12.24 8.79
CA ALA A 163 -4.36 -11.00 8.05
C ALA A 163 -5.77 -10.48 8.21
N ARG A 164 -6.74 -11.35 7.94
CA ARG A 164 -8.16 -11.00 8.07
C ARG A 164 -8.43 -10.52 9.48
N ARG A 165 -7.94 -11.26 10.45
CA ARG A 165 -8.16 -10.90 11.84
C ARG A 165 -7.60 -9.50 12.15
N VAL A 166 -6.32 -9.32 11.91
CA VAL A 166 -5.65 -8.04 12.17
C VAL A 166 -6.30 -6.88 11.38
N VAL A 167 -6.73 -7.15 10.17
CA VAL A 167 -7.35 -6.12 9.35
C VAL A 167 -8.71 -5.71 9.90
N ALA A 168 -9.36 -6.64 10.58
CA ALA A 168 -10.69 -6.39 11.14
C ALA A 168 -10.63 -5.43 12.31
N LEU A 169 -9.42 -5.22 12.84
CA LEU A 169 -9.23 -4.32 13.96
C LEU A 169 -8.58 -3.03 13.51
N ARG A 170 -8.68 -2.73 12.22
CA ARG A 170 -8.07 -1.51 11.70
C ARG A 170 -8.74 -0.26 12.28
N LYS A 171 -10.01 -0.41 12.63
CA LYS A 171 -10.84 0.66 13.19
C LYS A 171 -10.94 0.65 14.72
N ARG A 172 -10.26 -0.30 15.38
CA ARG A 172 -10.33 -0.42 16.83
C ARG A 172 -8.95 -0.36 17.48
N PRO A 173 -8.41 0.86 17.68
CA PRO A 173 -7.10 1.05 18.29
C PRO A 173 -6.84 0.20 19.52
N LEU A 174 -7.65 0.36 20.56
CA LEU A 174 -7.45 -0.44 21.76
C LEU A 174 -7.37 -1.90 21.41
N ALA A 175 -8.35 -2.37 20.65
CA ALA A 175 -8.39 -3.77 20.25
C ALA A 175 -7.11 -4.16 19.55
N LEU A 176 -6.68 -3.30 18.65
CA LEU A 176 -5.50 -3.55 17.86
C LEU A 176 -4.23 -3.55 18.70
N ALA A 177 -4.20 -2.70 19.71
CA ALA A 177 -3.02 -2.61 20.57
C ALA A 177 -2.88 -3.85 21.45
N ARG A 178 -3.97 -4.63 21.51
CA ARG A 178 -4.00 -5.88 22.28
C ARG A 178 -3.08 -6.86 21.60
N LEU A 179 -3.26 -6.96 20.28
CA LEU A 179 -2.48 -7.86 19.43
C LEU A 179 -1.02 -7.49 19.39
N VAL A 180 -0.74 -6.20 19.23
CA VAL A 180 0.62 -5.70 19.21
C VAL A 180 1.25 -5.88 20.59
N GLY A 181 0.50 -5.52 21.64
CA GLY A 181 1.00 -5.63 23.00
C GLY A 181 1.25 -4.22 23.56
N TRP A 182 0.92 -4.02 24.83
CA TRP A 182 1.10 -2.70 25.44
C TRP A 182 2.53 -2.16 25.40
N ASP A 183 3.46 -2.97 25.88
CA ASP A 183 4.87 -2.60 25.91
C ASP A 183 5.29 -1.96 24.60
N VAL A 184 5.11 -2.70 23.51
CA VAL A 184 5.47 -2.22 22.20
C VAL A 184 4.81 -0.88 21.89
N LEU A 185 3.50 -0.80 22.13
CA LEU A 185 2.75 0.43 21.87
C LEU A 185 3.51 1.65 22.40
N LEU A 186 3.77 1.65 23.70
CA LEU A 186 4.49 2.76 24.32
C LEU A 186 5.86 2.96 23.72
N LYS A 187 6.62 1.87 23.59
CA LYS A 187 7.95 1.94 23.04
C LYS A 187 8.03 2.83 21.80
N LEU A 188 7.23 2.53 20.79
CA LEU A 188 7.28 3.34 19.58
C LEU A 188 6.57 4.66 19.77
N LEU A 189 5.52 4.66 20.59
CA LEU A 189 4.78 5.88 20.82
C LEU A 189 5.74 6.90 21.41
N LEU A 190 6.88 6.41 21.89
CA LEU A 190 7.92 7.25 22.45
C LEU A 190 9.12 7.38 21.51
N GLY A 191 9.20 6.48 20.53
CA GLY A 191 10.32 6.50 19.60
C GLY A 191 11.35 5.56 20.20
N ARG A 192 11.00 5.08 21.37
CA ARG A 192 11.82 4.17 22.16
C ARG A 192 11.94 2.79 21.49
N LEU A 193 11.25 2.63 20.37
CA LEU A 193 11.24 1.38 19.65
C LEU A 193 12.10 1.38 18.37
N SER A 194 12.50 0.19 17.94
CA SER A 194 13.31 0.07 16.74
C SER A 194 12.68 -0.75 15.61
N LEU A 195 13.21 -0.54 14.42
CA LEU A 195 12.72 -1.19 13.22
C LEU A 195 12.73 -2.72 13.26
N ALA A 196 13.81 -3.33 13.73
CA ALA A 196 13.85 -4.79 13.78
C ALA A 196 12.87 -5.31 14.82
N GLU A 197 12.61 -4.50 15.84
CA GLU A 197 11.68 -4.88 16.89
C GLU A 197 10.30 -4.95 16.25
N VAL A 198 10.01 -3.93 15.46
CA VAL A 198 8.74 -3.85 14.76
C VAL A 198 8.59 -5.11 13.88
N GLU A 199 9.59 -5.33 13.03
CA GLU A 199 9.60 -6.47 12.13
C GLU A 199 9.48 -7.81 12.84
N ALA A 200 10.26 -7.99 13.89
CA ALA A 200 10.25 -9.26 14.64
C ALA A 200 8.92 -9.61 15.30
N ARG A 201 8.15 -8.58 15.69
CA ARG A 201 6.86 -8.77 16.33
C ARG A 201 5.82 -9.01 15.27
N ALA A 202 5.99 -8.31 14.15
CA ALA A 202 5.07 -8.47 13.05
C ALA A 202 5.12 -9.93 12.68
N GLN A 203 6.34 -10.44 12.59
CA GLN A 203 6.56 -11.83 12.24
C GLN A 203 5.98 -12.76 13.27
N ARG A 204 6.17 -12.41 14.54
CA ARG A 204 5.65 -13.18 15.64
C ARG A 204 4.17 -13.42 15.41
N ILE A 205 3.48 -12.32 15.13
CA ILE A 205 2.05 -12.32 14.89
C ILE A 205 1.57 -13.10 13.68
N LEU A 206 2.13 -12.78 12.52
CA LEU A 206 1.72 -13.41 11.27
C LEU A 206 2.26 -14.80 11.00
N GLY A 207 3.35 -15.16 11.65
CA GLY A 207 3.92 -16.47 11.41
C GLY A 207 4.80 -16.49 10.18
N VAL A 208 4.69 -15.46 9.35
CA VAL A 208 5.51 -15.35 8.15
C VAL A 208 6.56 -14.25 8.32
N GLU A 209 7.61 -14.28 7.50
CA GLU A 209 8.64 -13.23 7.60
C GLU A 209 8.07 -11.94 7.04
N ALA A 210 8.20 -10.87 7.83
CA ALA A 210 7.67 -9.58 7.42
C ALA A 210 8.73 -8.53 7.62
N ARG A 211 9.04 -7.79 6.56
CA ARG A 211 10.05 -6.77 6.66
C ARG A 211 9.63 -5.47 6.01
N ALA A 212 10.25 -4.37 6.44
CA ALA A 212 9.97 -3.06 5.87
C ALA A 212 11.10 -2.69 4.94
N LEU A 213 10.82 -1.84 3.96
CA LEU A 213 11.84 -1.40 3.03
C LEU A 213 11.86 0.12 3.06
N VAL A 214 12.94 0.69 3.59
CA VAL A 214 13.06 2.12 3.60
C VAL A 214 13.13 2.50 2.12
N THR A 215 12.11 3.19 1.64
CA THR A 215 12.03 3.57 0.24
C THR A 215 12.09 5.08 0.09
N PRO A 216 13.21 5.60 -0.44
CA PRO A 216 13.52 7.02 -0.67
C PRO A 216 12.54 7.76 -1.54
N TYR A 217 11.71 7.02 -2.26
CA TYR A 217 10.72 7.65 -3.13
C TYR A 217 9.39 7.82 -2.42
N PRO A 218 9.08 9.05 -2.00
CA PRO A 218 7.83 9.37 -1.31
C PRO A 218 6.55 9.24 -2.13
N GLU A 219 6.69 9.09 -3.45
CA GLU A 219 5.52 8.94 -4.31
C GLU A 219 4.88 7.59 -4.02
N VAL A 220 5.60 6.79 -3.24
CA VAL A 220 5.15 5.47 -2.83
C VAL A 220 4.06 5.56 -1.78
N GLY A 221 3.93 6.73 -1.15
CA GLY A 221 2.93 6.90 -0.11
C GLY A 221 2.07 8.15 -0.13
N VAL A 222 2.50 9.18 -0.85
CA VAL A 222 1.73 10.42 -0.92
C VAL A 222 0.53 10.23 -1.83
N ASP A 223 -0.62 9.97 -1.23
CA ASP A 223 -1.85 9.77 -1.98
C ASP A 223 -2.61 11.08 -2.10
N VAL A 224 -3.76 11.01 -2.76
CA VAL A 224 -4.63 12.17 -2.96
C VAL A 224 -5.92 11.91 -2.19
N ASP A 225 -6.28 12.86 -1.31
CA ASP A 225 -7.48 12.70 -0.50
C ASP A 225 -8.54 13.76 -0.71
N ARG A 226 -8.17 14.89 -1.29
CA ARG A 226 -9.12 15.97 -1.51
C ARG A 226 -8.69 16.93 -2.60
N GLU A 227 -9.56 17.88 -2.93
CA GLU A 227 -9.29 18.86 -3.98
C GLU A 227 -7.91 19.53 -4.01
N GLU A 228 -7.48 20.12 -2.91
CA GLU A 228 -6.17 20.77 -2.90
C GLU A 228 -5.11 19.86 -3.49
N ASP A 229 -5.25 18.56 -3.21
CA ASP A 229 -4.32 17.56 -3.69
C ASP A 229 -4.22 17.55 -5.21
N LEU A 230 -5.36 17.39 -5.87
CA LEU A 230 -5.42 17.35 -7.32
C LEU A 230 -4.64 18.47 -8.00
N VAL A 231 -4.50 19.61 -7.33
CA VAL A 231 -3.77 20.75 -7.90
C VAL A 231 -2.26 20.74 -7.56
#